data_3MK8
#
_entry.id   3MK8
#
_cell.length_a   44.505
_cell.length_b   56.866
_cell.length_c   63.984
_cell.angle_alpha   90.000
_cell.angle_beta   90.000
_cell.angle_gamma   90.000
#
_symmetry.space_group_name_H-M   'P 21 21 21'
#
loop_
_entity.id
_entity.type
_entity.pdbx_description
1 polymer 'Induced myeloid leukemia cell differentiation protein Mcl-1'
2 polymer 'Induced myeloid leukemia cell differentiation protein Mcl-1'
3 water water
#
loop_
_entity_poly.entity_id
_entity_poly.type
_entity_poly.pdbx_seq_one_letter_code
_entity_poly.pdbx_strand_id
1 'polypeptide(L)'
;GSDELYRQSLEIISRYLREQATGAKDTKPMGRSGATSRKALETLRRVGDGVQRNHETAFQGMLRKLDIKNEDDVKSLSRV
MIHVFSDGVTNWGRIVTLISFGAFVAKHLKTINQESCIEPLAESITDVLVRTKRDWLVKQRGWDGFVEFFHVEDLEGG
;
A
2 'polypeptide(L)' KALETLRRVGDGV(MK8)RNH(MK8)TAF B
#
# COMPACT_ATOMS: atom_id res chain seq x y z
N ASP A 3 11.41 -13.76 2.43
CA ASP A 3 10.93 -15.02 2.98
C ASP A 3 10.24 -14.81 4.33
N GLU A 4 10.98 -14.27 5.30
CA GLU A 4 10.40 -13.94 6.59
C GLU A 4 9.94 -12.49 6.58
N LEU A 5 10.63 -11.67 5.81
CA LEU A 5 10.21 -10.29 5.59
C LEU A 5 8.91 -10.31 4.81
N TYR A 6 8.82 -11.21 3.84
CA TYR A 6 7.64 -11.33 2.99
C TYR A 6 6.41 -11.80 3.76
N ARG A 7 6.59 -12.80 4.62
CA ARG A 7 5.47 -13.36 5.38
C ARG A 7 4.85 -12.34 6.31
N GLN A 8 5.70 -11.59 7.01
CA GLN A 8 5.24 -10.54 7.90
C GLN A 8 4.53 -9.46 7.09
N SER A 9 5.23 -8.98 6.06
CA SER A 9 4.71 -7.94 5.18
C SER A 9 3.33 -8.30 4.65
N LEU A 10 3.20 -9.53 4.15
CA LEU A 10 1.93 -9.99 3.60
C LEU A 10 0.83 -10.00 4.65
N GLU A 11 1.14 -10.51 5.84
CA GLU A 11 0.17 -10.55 6.91
C GLU A 11 -0.34 -9.16 7.22
N ILE A 12 0.58 -8.24 7.46
CA ILE A 12 0.23 -6.86 7.78
C ILE A 12 -0.64 -6.26 6.68
N ILE A 13 -0.27 -6.52 5.43
CA ILE A 13 -0.94 -5.91 4.30
C ILE A 13 -2.27 -6.58 3.96
N SER A 14 -2.29 -7.91 4.05
CA SER A 14 -3.52 -8.66 3.83
C SER A 14 -4.58 -8.27 4.85
N ARG A 15 -4.17 -8.23 6.11
CA ARG A 15 -5.08 -7.87 7.19
C ARG A 15 -5.66 -6.48 6.99
N TYR A 16 -4.84 -5.54 6.59
CA TYR A 16 -5.30 -4.17 6.39
C TYR A 16 -6.29 -4.05 5.23
N LEU A 17 -5.97 -4.68 4.11
CA LEU A 17 -6.86 -4.66 2.96
C LEU A 17 -8.15 -5.43 3.23
N ARG A 18 -8.05 -6.53 3.95
CA ARG A 18 -9.22 -7.33 4.31
C ARG A 18 -10.09 -6.62 5.35
N GLU A 19 -9.45 -5.92 6.28
CA GLU A 19 -10.15 -5.18 7.31
C GLU A 19 -10.94 -4.02 6.72
N GLN A 20 -10.32 -3.31 5.78
CA GLN A 20 -10.95 -2.17 5.12
C GLN A 20 -12.03 -2.63 4.14
N ALA A 21 -12.28 -3.93 4.12
CA ALA A 21 -13.32 -4.49 3.25
C ALA A 21 -14.61 -4.70 4.03
N THR A 22 -15.20 -3.59 4.49
CA THR A 22 -16.45 -3.63 5.23
C THR A 22 -16.43 -4.72 6.29
N GLY A 23 -15.58 -4.56 7.30
CA GLY A 23 -15.46 -5.53 8.36
C GLY A 23 -14.49 -5.07 9.44
N ALA A 24 -13.64 -5.99 9.89
CA ALA A 24 -12.63 -5.73 10.91
C ALA A 24 -12.29 -7.01 11.66
N SER A 33 1.19 -13.37 15.12
CA SER A 33 2.40 -14.10 14.79
C SER A 33 3.62 -13.17 14.87
N GLY A 34 3.45 -12.05 15.55
CA GLY A 34 4.53 -11.09 15.71
C GLY A 34 4.12 -9.89 16.55
N ALA A 35 5.11 -9.22 17.13
CA ALA A 35 4.86 -8.05 17.96
C ALA A 35 4.90 -6.76 17.13
N THR A 36 5.99 -6.58 16.38
CA THR A 36 6.11 -5.43 15.50
C THR A 36 4.94 -5.37 14.53
N SER A 37 4.45 -6.54 14.13
CA SER A 37 3.29 -6.63 13.27
C SER A 37 2.07 -5.98 13.94
N ARG A 38 2.10 -5.95 15.26
CA ARG A 38 1.01 -5.36 16.04
C ARG A 38 0.97 -3.85 15.86
N LYS A 39 2.06 -3.18 16.22
CA LYS A 39 2.14 -1.72 16.12
C LYS A 39 2.07 -1.27 14.66
N ALA A 40 2.60 -2.11 13.77
CA ALA A 40 2.57 -1.81 12.35
C ALA A 40 1.16 -1.62 11.85
N LEU A 41 0.31 -2.61 12.11
CA LEU A 41 -1.07 -2.59 11.64
C LEU A 41 -1.81 -1.36 12.19
N GLU A 42 -1.53 -1.01 13.43
CA GLU A 42 -2.15 0.17 14.04
C GLU A 42 -1.63 1.45 13.39
N THR A 43 -0.32 1.49 13.16
CA THR A 43 0.29 2.61 12.46
C THR A 43 -0.32 2.73 11.08
N LEU A 44 -0.48 1.59 10.42
CA LEU A 44 -1.02 1.53 9.07
C LEU A 44 -2.49 1.95 9.05
N ARG A 45 -3.19 1.65 10.15
CA ARG A 45 -4.59 2.06 10.29
C ARG A 45 -4.71 3.57 10.29
N ARG A 46 -3.99 4.21 11.20
CA ARG A 46 -3.99 5.65 11.35
C ARG A 46 -3.60 6.36 10.04
N VAL A 47 -2.36 6.16 9.61
CA VAL A 47 -1.84 6.84 8.43
C VAL A 47 -2.58 6.47 7.15
N GLY A 48 -2.94 5.19 7.02
CA GLY A 48 -3.59 4.69 5.83
C GLY A 48 -4.96 5.29 5.60
N ASP A 49 -5.77 5.34 6.65
CA ASP A 49 -7.10 5.92 6.55
C ASP A 49 -7.00 7.40 6.19
N GLY A 50 -5.99 8.06 6.76
CA GLY A 50 -5.76 9.47 6.50
C GLY A 50 -5.53 9.75 5.02
N VAL A 51 -4.62 8.99 4.42
CA VAL A 51 -4.28 9.17 3.01
C VAL A 51 -5.50 9.07 2.10
N GLN A 52 -6.36 8.08 2.37
CA GLN A 52 -7.53 7.85 1.53
C GLN A 52 -8.52 8.99 1.60
N ARG A 53 -8.78 9.47 2.81
CA ARG A 53 -9.62 10.65 3.01
C ARG A 53 -9.01 11.84 2.30
N ASN A 54 -7.74 12.10 2.58
CA ASN A 54 -7.04 13.26 2.03
C ASN A 54 -6.94 13.27 0.51
N HIS A 55 -7.15 12.12 -0.13
CA HIS A 55 -7.05 12.03 -1.58
C HIS A 55 -8.16 11.19 -2.19
N GLU A 56 -9.35 11.24 -1.57
CA GLU A 56 -10.48 10.44 -2.02
C GLU A 56 -10.87 10.74 -3.47
N THR A 57 -10.42 11.87 -3.99
CA THR A 57 -10.73 12.25 -5.35
C THR A 57 -9.56 11.95 -6.30
N ALA A 58 -8.35 12.24 -5.84
CA ALA A 58 -7.15 11.94 -6.62
C ALA A 58 -7.04 10.43 -6.85
N PHE A 59 -7.45 9.66 -5.86
CA PHE A 59 -7.40 8.20 -5.94
C PHE A 59 -8.46 7.67 -6.90
N GLN A 60 -9.63 8.28 -6.85
CA GLN A 60 -10.73 7.88 -7.72
C GLN A 60 -10.37 8.15 -9.18
N GLY A 61 -9.56 9.19 -9.38
CA GLY A 61 -9.10 9.55 -10.71
C GLY A 61 -8.16 8.51 -11.28
N MET A 62 -7.40 7.86 -10.40
CA MET A 62 -6.50 6.80 -10.80
C MET A 62 -7.30 5.53 -11.09
N LEU A 63 -8.19 5.21 -10.17
CA LEU A 63 -9.05 4.03 -10.28
C LEU A 63 -9.81 4.03 -11.61
N ARG A 64 -10.29 5.21 -12.02
CA ARG A 64 -11.04 5.34 -13.27
C ARG A 64 -10.16 5.14 -14.51
N LYS A 65 -9.09 5.94 -14.61
CA LYS A 65 -8.20 5.87 -15.77
C LYS A 65 -7.49 4.51 -15.84
N LEU A 66 -7.55 3.75 -14.76
CA LEU A 66 -7.01 2.40 -14.74
C LEU A 66 -8.09 1.38 -15.05
N ASP A 67 -9.28 1.61 -14.50
CA ASP A 67 -10.41 0.70 -14.65
C ASP A 67 -10.05 -0.70 -14.14
N ILE A 68 -10.94 -1.28 -13.33
CA ILE A 68 -10.65 -2.54 -12.68
C ILE A 68 -11.88 -3.42 -12.52
N LYS A 69 -11.98 -4.45 -13.35
CA LYS A 69 -13.09 -5.38 -13.27
C LYS A 69 -12.64 -6.77 -12.81
N ASN A 70 -11.62 -7.32 -13.45
CA ASN A 70 -11.17 -8.67 -13.13
C ASN A 70 -9.74 -8.76 -12.59
N GLU A 71 -9.26 -9.98 -12.43
CA GLU A 71 -7.92 -10.21 -11.88
C GLU A 71 -6.84 -9.91 -12.92
N ASP A 72 -7.23 -9.89 -14.19
CA ASP A 72 -6.30 -9.49 -15.25
C ASP A 72 -5.91 -8.03 -15.07
N ASP A 73 -6.84 -7.23 -14.57
CA ASP A 73 -6.58 -5.83 -14.26
C ASP A 73 -5.62 -5.72 -13.09
N VAL A 74 -5.93 -6.47 -12.04
CA VAL A 74 -5.16 -6.43 -10.80
C VAL A 74 -3.68 -6.74 -11.04
N LYS A 75 -3.41 -7.65 -11.98
CA LYS A 75 -2.04 -8.03 -12.29
C LYS A 75 -1.33 -6.97 -13.12
N SER A 76 -2.11 -6.08 -13.74
CA SER A 76 -1.56 -4.97 -14.50
C SER A 76 -1.22 -3.81 -13.59
N LEU A 77 -2.04 -3.61 -12.56
CA LEU A 77 -1.79 -2.56 -11.58
C LEU A 77 -0.50 -2.85 -10.83
N SER A 78 -0.02 -4.09 -10.94
CA SER A 78 1.25 -4.48 -10.35
C SER A 78 2.39 -3.75 -11.04
N ARG A 79 2.42 -3.82 -12.36
CA ARG A 79 3.48 -3.20 -13.15
C ARG A 79 3.47 -1.68 -13.01
N VAL A 80 2.32 -1.14 -12.63
CA VAL A 80 2.20 0.30 -12.38
C VAL A 80 2.92 0.65 -11.09
N MET A 81 2.65 -0.12 -10.04
CA MET A 81 3.23 0.11 -8.72
C MET A 81 4.75 -0.07 -8.76
N ILE A 82 5.22 -1.06 -9.50
CA ILE A 82 6.65 -1.31 -9.61
C ILE A 82 7.37 -0.11 -10.22
N HIS A 83 6.65 0.65 -11.04
CA HIS A 83 7.21 1.82 -11.70
C HIS A 83 7.23 3.03 -10.77
N VAL A 84 6.42 2.97 -9.72
CA VAL A 84 6.37 4.04 -8.73
C VAL A 84 7.77 4.40 -8.24
N PHE A 85 8.59 3.38 -8.01
CA PHE A 85 9.95 3.60 -7.51
C PHE A 85 10.96 3.66 -8.65
N SER A 86 10.54 4.20 -9.80
CA SER A 86 11.43 4.26 -10.95
C SER A 86 12.34 5.49 -10.90
N ASP A 87 11.83 6.58 -10.33
CA ASP A 87 12.62 7.80 -10.17
C ASP A 87 13.73 7.61 -9.15
N GLY A 88 13.98 6.36 -8.77
CA GLY A 88 15.02 6.04 -7.82
C GLY A 88 14.73 6.53 -6.43
N VAL A 89 13.57 7.16 -6.26
CA VAL A 89 13.16 7.70 -4.96
C VAL A 89 12.29 6.70 -4.20
N THR A 90 12.73 6.37 -2.99
CA THR A 90 12.00 5.43 -2.14
C THR A 90 11.86 5.98 -0.72
N ASN A 91 10.63 6.05 -0.23
CA ASN A 91 10.37 6.54 1.10
C ASN A 91 9.10 5.96 1.68
N TRP A 92 8.86 6.24 2.96
CA TRP A 92 7.70 5.69 3.66
C TRP A 92 6.39 6.28 3.16
N GLY A 93 6.45 7.52 2.67
CA GLY A 93 5.28 8.15 2.09
C GLY A 93 4.77 7.34 0.92
N ARG A 94 5.68 6.92 0.05
CA ARG A 94 5.31 6.15 -1.13
C ARG A 94 4.86 4.74 -0.77
N ILE A 95 5.55 4.12 0.19
CA ILE A 95 5.22 2.78 0.64
C ILE A 95 3.78 2.75 1.13
N VAL A 96 3.46 3.63 2.07
CA VAL A 96 2.14 3.67 2.70
C VAL A 96 1.05 4.12 1.73
N THR A 97 1.42 4.96 0.77
CA THR A 97 0.47 5.45 -0.22
C THR A 97 0.04 4.32 -1.14
N LEU A 98 0.98 3.43 -1.43
CA LEU A 98 0.73 2.26 -2.27
C LEU A 98 -0.22 1.30 -1.58
N ILE A 99 0.00 1.11 -0.29
CA ILE A 99 -0.84 0.23 0.52
C ILE A 99 -2.21 0.86 0.71
N SER A 100 -2.22 2.19 0.81
CA SER A 100 -3.46 2.94 0.94
C SER A 100 -4.31 2.81 -0.33
N PHE A 101 -3.68 2.99 -1.48
CA PHE A 101 -4.38 2.85 -2.75
C PHE A 101 -4.85 1.41 -2.95
N GLY A 102 -4.19 0.48 -2.26
CA GLY A 102 -4.59 -0.92 -2.32
C GLY A 102 -5.85 -1.16 -1.53
N ALA A 103 -5.95 -0.53 -0.37
CA ALA A 103 -7.16 -0.62 0.45
C ALA A 103 -8.30 0.08 -0.27
N PHE A 104 -7.97 1.11 -1.04
CA PHE A 104 -8.97 1.82 -1.82
C PHE A 104 -9.46 0.92 -2.95
N VAL A 105 -8.51 0.30 -3.65
CA VAL A 105 -8.83 -0.61 -4.75
C VAL A 105 -9.50 -1.89 -4.25
N ALA A 106 -9.30 -2.21 -2.97
CA ALA A 106 -9.92 -3.39 -2.38
C ALA A 106 -11.39 -3.13 -2.05
N LYS A 107 -11.72 -1.86 -1.80
CA LYS A 107 -13.10 -1.47 -1.55
C LYS A 107 -13.91 -1.59 -2.84
N HIS A 108 -13.37 -1.01 -3.91
CA HIS A 108 -14.02 -1.07 -5.22
C HIS A 108 -14.05 -2.50 -5.74
N LEU A 109 -13.26 -3.35 -5.10
CA LEU A 109 -13.13 -4.75 -5.49
C LEU A 109 -14.34 -5.55 -5.03
N LYS A 110 -14.78 -5.28 -3.80
CA LYS A 110 -15.93 -5.96 -3.23
C LYS A 110 -17.25 -5.34 -3.67
N THR A 111 -17.22 -4.04 -3.98
CA THR A 111 -18.39 -3.35 -4.49
C THR A 111 -18.88 -4.04 -5.76
N ILE A 112 -18.00 -4.84 -6.35
CA ILE A 112 -18.28 -5.58 -7.56
C ILE A 112 -18.14 -7.07 -7.28
N ASN A 113 -18.31 -7.41 -5.99
CA ASN A 113 -18.39 -8.80 -5.55
C ASN A 113 -17.08 -9.59 -5.66
N GLN A 114 -16.06 -9.01 -6.27
CA GLN A 114 -14.81 -9.73 -6.50
C GLN A 114 -13.85 -9.72 -5.33
N GLU A 115 -14.38 -9.92 -4.13
CA GLU A 115 -13.56 -9.99 -2.92
C GLU A 115 -12.42 -11.01 -3.06
N SER A 116 -12.54 -11.91 -4.03
CA SER A 116 -11.53 -12.94 -4.25
C SER A 116 -10.23 -12.36 -4.82
N CYS A 117 -10.33 -11.17 -5.41
CA CYS A 117 -9.17 -10.52 -6.00
C CYS A 117 -8.37 -9.71 -4.99
N ILE A 118 -8.84 -9.67 -3.74
CA ILE A 118 -8.22 -8.84 -2.72
C ILE A 118 -6.87 -9.38 -2.25
N GLU A 119 -6.83 -10.66 -1.90
CA GLU A 119 -5.58 -11.30 -1.48
C GLU A 119 -4.52 -11.24 -2.57
N PRO A 120 -4.89 -11.58 -3.82
CA PRO A 120 -3.94 -11.46 -4.93
C PRO A 120 -3.37 -10.05 -4.99
N LEU A 121 -4.23 -9.07 -4.70
CA LEU A 121 -3.83 -7.68 -4.67
C LEU A 121 -2.85 -7.45 -3.52
N ALA A 122 -3.17 -8.00 -2.35
CA ALA A 122 -2.30 -7.91 -1.20
C ALA A 122 -0.95 -8.58 -1.46
N GLU A 123 -1.01 -9.75 -2.09
CA GLU A 123 0.21 -10.48 -2.44
C GLU A 123 1.01 -9.69 -3.45
N SER A 124 0.30 -9.03 -4.36
CA SER A 124 0.92 -8.22 -5.40
C SER A 124 1.64 -7.00 -4.81
N ILE A 125 0.98 -6.33 -3.88
CA ILE A 125 1.56 -5.16 -3.23
C ILE A 125 2.80 -5.55 -2.44
N THR A 126 2.74 -6.70 -1.77
CA THR A 126 3.87 -7.18 -0.98
C THR A 126 5.07 -7.51 -1.87
N ASP A 127 4.81 -8.09 -3.04
CA ASP A 127 5.88 -8.43 -3.98
C ASP A 127 6.77 -7.23 -4.25
N VAL A 128 6.15 -6.10 -4.55
CA VAL A 128 6.88 -4.87 -4.83
C VAL A 128 7.81 -4.52 -3.68
N LEU A 129 7.24 -4.40 -2.49
CA LEU A 129 7.98 -3.94 -1.32
C LEU A 129 9.09 -4.91 -0.94
N VAL A 130 8.75 -6.19 -0.87
CA VAL A 130 9.69 -7.20 -0.38
C VAL A 130 10.68 -7.67 -1.44
N ARG A 131 10.19 -7.94 -2.64
CA ARG A 131 11.03 -8.54 -3.67
C ARG A 131 11.78 -7.53 -4.53
N THR A 132 11.26 -6.31 -4.64
CA THR A 132 11.92 -5.30 -5.45
C THR A 132 12.52 -4.18 -4.62
N LYS A 133 12.17 -4.15 -3.32
CA LYS A 133 12.67 -3.10 -2.45
C LYS A 133 13.22 -3.66 -1.13
N ARG A 134 13.60 -4.92 -1.13
CA ARG A 134 14.11 -5.56 0.07
C ARG A 134 15.32 -4.81 0.63
N ASP A 135 16.14 -4.27 -0.26
CA ASP A 135 17.33 -3.53 0.16
C ASP A 135 16.99 -2.33 1.02
N TRP A 136 16.20 -1.40 0.47
CA TRP A 136 15.78 -0.22 1.22
C TRP A 136 14.97 -0.63 2.43
N LEU A 137 14.08 -1.60 2.26
CA LEU A 137 13.21 -2.06 3.33
C LEU A 137 14.02 -2.61 4.50
N VAL A 138 14.92 -3.54 4.20
CA VAL A 138 15.78 -4.12 5.22
C VAL A 138 16.63 -3.06 5.90
N LYS A 139 17.22 -2.18 5.09
CA LYS A 139 18.10 -1.13 5.60
C LYS A 139 17.35 -0.12 6.46
N GLN A 140 16.03 -0.02 6.26
CA GLN A 140 15.22 0.95 6.99
C GLN A 140 14.53 0.34 8.21
N ARG A 141 15.15 -0.69 8.77
CA ARG A 141 14.62 -1.35 9.96
C ARG A 141 13.22 -1.95 9.74
N GLY A 142 12.97 -2.42 8.52
CA GLY A 142 11.73 -3.08 8.20
C GLY A 142 10.48 -2.38 8.69
N TRP A 143 9.57 -3.15 9.29
CA TRP A 143 8.33 -2.59 9.80
C TRP A 143 8.52 -1.76 11.06
N ASP A 144 9.57 -2.07 11.83
CA ASP A 144 9.93 -1.27 12.99
C ASP A 144 10.19 0.17 12.55
N GLY A 145 10.98 0.33 11.49
CA GLY A 145 11.29 1.64 10.96
C GLY A 145 10.03 2.34 10.47
N PHE A 146 9.10 1.56 9.94
CA PHE A 146 7.81 2.08 9.51
C PHE A 146 7.04 2.63 10.71
N VAL A 147 6.97 1.82 11.77
CA VAL A 147 6.33 2.24 13.02
C VAL A 147 7.00 3.48 13.60
N GLU A 148 8.34 3.45 13.66
CA GLU A 148 9.12 4.55 14.20
C GLU A 148 8.93 5.84 13.40
N PHE A 149 9.08 5.74 12.09
CA PHE A 149 8.96 6.90 11.21
C PHE A 149 7.64 7.64 11.42
N PHE A 150 6.53 6.93 11.26
CA PHE A 150 5.22 7.54 11.46
C PHE A 150 4.85 7.61 12.93
N HIS A 151 5.77 8.14 13.74
CA HIS A 151 5.57 8.29 15.18
C HIS A 151 4.17 8.82 15.50
N ALA B 2 4.09 4.16 -16.39
CA ALA B 2 2.65 4.02 -16.27
C ALA B 2 2.04 5.23 -15.59
N LEU B 3 1.47 5.02 -14.40
CA LEU B 3 0.94 6.12 -13.61
C LEU B 3 1.88 6.45 -12.47
N GLU B 4 2.48 7.63 -12.53
CA GLU B 4 3.48 8.04 -11.56
C GLU B 4 2.94 9.10 -10.61
N THR B 5 1.62 9.28 -10.57
CA THR B 5 1.03 10.26 -9.68
C THR B 5 1.05 9.74 -8.25
N LEU B 6 1.18 8.43 -8.11
CA LEU B 6 1.33 7.82 -6.80
C LEU B 6 2.58 8.36 -6.13
N ARG B 7 3.52 8.83 -6.94
CA ARG B 7 4.73 9.45 -6.44
C ARG B 7 4.38 10.77 -5.77
N ARG B 8 3.60 11.58 -6.48
CA ARG B 8 3.23 12.91 -6.01
C ARG B 8 2.54 12.85 -4.65
N VAL B 9 1.52 12.01 -4.55
CA VAL B 9 0.82 11.82 -3.29
C VAL B 9 1.79 11.22 -2.27
N GLY B 10 2.52 10.20 -2.68
CA GLY B 10 3.49 9.54 -1.83
C GLY B 10 4.52 10.49 -1.24
N ASP B 11 5.31 11.12 -2.11
CA ASP B 11 6.32 12.08 -1.66
C ASP B 11 5.68 13.20 -0.86
N GLY B 12 4.42 13.50 -1.17
CA GLY B 12 3.70 14.55 -0.49
C GLY B 12 3.31 14.15 0.92
N VAL B 13 2.76 12.95 1.04
CA VAL B 13 2.36 12.41 2.34
C VAL B 13 3.57 12.29 3.26
C MK8 B 14 6.31 13.19 4.02
N MK8 B 14 4.72 11.98 2.67
O MK8 B 14 6.37 13.36 5.23
CA MK8 B 14 5.97 11.82 3.43
CB MK8 B 14 7.07 11.36 2.46
CD MK8 B 14 8.98 12.33 3.86
CE MK8 B 14 10.25 11.98 4.61
CG MK8 B 14 8.40 11.10 3.18
CB1 MK8 B 14 5.80 10.80 4.55
N ARG B 15 6.55 14.16 3.14
CA ARG B 15 6.98 15.49 3.54
C ARG B 15 6.05 16.12 4.58
N ASN B 16 4.75 15.96 4.38
CA ASN B 16 3.77 16.53 5.29
C ASN B 16 3.79 15.88 6.68
N HIS B 17 4.52 14.76 6.79
CA HIS B 17 4.65 14.10 8.09
C HIS B 17 5.97 14.44 8.78
C MK8 B 18 8.53 16.03 9.01
N MK8 B 18 7.08 14.23 8.07
O MK8 B 18 9.51 16.41 9.64
CA MK8 B 18 8.41 14.55 8.62
CB MK8 B 18 9.54 14.15 7.67
CD MK8 B 18 10.65 14.41 5.42
CE MK8 B 18 11.00 12.92 5.31
CG MK8 B 18 9.40 14.74 6.26
CB1 MK8 B 18 8.57 13.71 9.89
N THR B 19 7.54 16.84 8.63
CA THR B 19 7.53 18.24 9.04
C THR B 19 6.19 18.68 9.64
N ALA B 20 5.81 18.05 10.75
CA ALA B 20 4.55 18.37 11.41
C ALA B 20 4.72 18.61 12.90
#